data_7DHF
#
_entry.id   7DHF
#
_cell.length_a   60.972
_cell.length_b   68.304
_cell.length_c   132.959
_cell.angle_alpha   90.000
_cell.angle_beta   90.000
_cell.angle_gamma   90.000
#
_symmetry.space_group_name_H-M   'P 21 21 21'
#
loop_
_entity.id
_entity.type
_entity.pdbx_description
1 polymer Protein-tyrosine-phosphatase
2 non-polymer 'PHOSPHATE ION'
3 non-polymer GLYCEROL
4 water water
#
_entity_poly.entity_id   1
_entity_poly.type   'polypeptide(L)'
_entity_poly.pdbx_seq_one_letter_code
;GAMGFNKILVVAVGNICRSPTGERVLQKLLPNKTVASAGIAAEKSRLIGKPADAMAIEVAKENCVDVENHQSQQLTSALC
SQYDLILVMEKGHMEALTQIAPEARGKTMLFGQWIGQKDIPDPYRQSKEAFVHAYQLIDEAAQAWAKKL
;
_entity_poly.pdbx_strand_id   A,B,C,D
#
loop_
_chem_comp.id
_chem_comp.type
_chem_comp.name
_chem_comp.formula
GOL non-polymer GLYCEROL 'C3 H8 O3'
PO4 non-polymer 'PHOSPHATE ION' 'O4 P -3'
#
# COMPACT_ATOMS: atom_id res chain seq x y z
N GLY A 4 -12.30 -2.09 6.78
CA GLY A 4 -11.30 -2.84 5.97
C GLY A 4 -11.90 -4.03 5.24
N PHE A 5 -11.28 -4.42 4.14
CA PHE A 5 -11.75 -5.54 3.33
C PHE A 5 -10.96 -6.76 3.76
N ASN A 6 -11.58 -7.60 4.59
CA ASN A 6 -10.93 -8.81 5.11
C ASN A 6 -11.43 -10.09 4.48
N LYS A 7 -12.71 -10.15 4.12
CA LYS A 7 -13.29 -11.32 3.45
C LYS A 7 -13.65 -10.90 2.03
N ILE A 8 -13.14 -11.64 1.05
CA ILE A 8 -13.24 -11.27 -0.35
C ILE A 8 -13.94 -12.41 -1.10
N LEU A 9 -14.95 -12.07 -1.90
CA LEU A 9 -15.68 -13.04 -2.69
C LEU A 9 -15.45 -12.73 -4.17
N VAL A 10 -14.86 -13.67 -4.88
CA VAL A 10 -14.62 -13.55 -6.31
C VAL A 10 -15.80 -14.16 -7.04
N VAL A 11 -16.42 -13.41 -7.96
CA VAL A 11 -17.69 -13.80 -8.55
C VAL A 11 -17.58 -13.81 -10.07
N ALA A 12 -18.13 -14.87 -10.67
CA ALA A 12 -18.37 -14.91 -12.10
C ALA A 12 -19.68 -15.63 -12.34
N VAL A 13 -19.74 -16.55 -13.30
CA VAL A 13 -21.00 -17.14 -13.75
C VAL A 13 -21.14 -18.61 -13.30
N GLY A 14 -20.20 -19.46 -13.70
CA GLY A 14 -20.31 -20.87 -13.39
C GLY A 14 -19.60 -21.29 -12.13
N ASN A 15 -18.64 -20.48 -11.68
CA ASN A 15 -17.80 -20.79 -10.53
C ASN A 15 -17.02 -22.09 -10.74
N ILE A 16 -16.56 -22.30 -11.98
CA ILE A 16 -15.69 -23.44 -12.29
C ILE A 16 -14.40 -23.04 -13.00
N CYS A 17 -14.30 -21.85 -13.60
CA CYS A 17 -13.10 -21.47 -14.33
C CYS A 17 -12.44 -20.23 -13.74
N ARG A 18 -12.95 -19.04 -14.07
CA ARG A 18 -12.27 -17.80 -13.67
C ARG A 18 -12.38 -17.57 -12.17
N SER A 19 -13.56 -17.72 -11.61
CA SER A 19 -13.75 -17.30 -10.23
C SER A 19 -13.01 -18.20 -9.24
N PRO A 20 -12.98 -19.53 -9.41
CA PRO A 20 -12.10 -20.32 -8.53
C PRO A 20 -10.63 -20.01 -8.73
N THR A 21 -10.21 -19.75 -9.97
CA THR A 21 -8.82 -19.37 -10.21
C THR A 21 -8.49 -18.06 -9.51
N GLY A 22 -9.33 -17.04 -9.68
CA GLY A 22 -9.11 -15.78 -9.01
C GLY A 22 -9.11 -15.91 -7.50
N GLU A 23 -10.03 -16.73 -6.97
CA GLU A 23 -10.04 -17.01 -5.53
C GLU A 23 -8.68 -17.48 -5.05
N ARG A 24 -8.13 -18.50 -5.70
CA ARG A 24 -6.91 -19.13 -5.20
C ARG A 24 -5.67 -18.30 -5.49
N VAL A 25 -5.63 -17.61 -6.64
CA VAL A 25 -4.52 -16.70 -6.90
C VAL A 25 -4.50 -15.60 -5.85
N LEU A 26 -5.65 -14.98 -5.60
CA LEU A 26 -5.71 -13.91 -4.61
CA LEU A 26 -5.71 -13.91 -4.61
C LEU A 26 -5.42 -14.44 -3.21
N GLN A 27 -5.91 -15.63 -2.89
CA GLN A 27 -5.67 -16.19 -1.56
C GLN A 27 -4.18 -16.38 -1.31
N LYS A 28 -3.45 -16.82 -2.33
CA LYS A 28 -2.01 -17.00 -2.19
C LYS A 28 -1.31 -15.66 -1.97
N LEU A 29 -1.77 -14.60 -2.64
CA LEU A 29 -1.19 -13.28 -2.47
C LEU A 29 -1.62 -12.60 -1.18
N LEU A 30 -2.75 -13.00 -0.60
CA LEU A 30 -3.32 -12.35 0.56
C LEU A 30 -3.60 -13.38 1.63
N PRO A 31 -2.55 -13.96 2.24
CA PRO A 31 -2.78 -14.95 3.30
C PRO A 31 -3.43 -14.37 4.55
N ASN A 32 -3.45 -13.04 4.70
CA ASN A 32 -4.11 -12.40 5.81
C ASN A 32 -5.57 -12.05 5.52
N LYS A 33 -6.11 -12.57 4.41
CA LYS A 33 -7.51 -12.39 4.06
C LYS A 33 -8.15 -13.76 3.87
N THR A 34 -9.47 -13.78 3.87
CA THR A 34 -10.24 -14.97 3.55
C THR A 34 -10.89 -14.73 2.19
N VAL A 35 -10.57 -15.58 1.22
CA VAL A 35 -11.06 -15.43 -0.14
C VAL A 35 -11.88 -16.66 -0.50
N ALA A 36 -13.06 -16.43 -1.06
CA ALA A 36 -13.93 -17.47 -1.57
C ALA A 36 -14.44 -17.04 -2.95
N SER A 37 -15.29 -17.86 -3.56
CA SER A 37 -15.84 -17.51 -4.86
C SER A 37 -17.23 -18.10 -5.02
N ALA A 38 -17.97 -17.55 -5.99
CA ALA A 38 -19.32 -18.02 -6.27
C ALA A 38 -19.70 -17.64 -7.70
N GLY A 39 -20.76 -18.27 -8.19
CA GLY A 39 -21.22 -18.05 -9.54
C GLY A 39 -22.66 -17.57 -9.60
N ILE A 40 -22.90 -16.55 -10.44
CA ILE A 40 -24.23 -15.97 -10.58
C ILE A 40 -25.22 -17.00 -11.12
N ALA A 41 -24.75 -17.95 -11.93
CA ALA A 41 -25.61 -18.92 -12.58
C ALA A 41 -25.14 -20.35 -12.32
N ALA A 42 -24.45 -20.58 -11.20
CA ALA A 42 -23.95 -21.92 -10.91
C ALA A 42 -25.08 -22.93 -10.80
N GLU A 43 -26.18 -22.56 -10.15
CA GLU A 43 -27.29 -23.49 -9.95
C GLU A 43 -28.00 -23.79 -11.26
N LYS A 44 -28.35 -22.75 -12.03
CA LYS A 44 -29.02 -22.95 -13.30
C LYS A 44 -28.15 -23.71 -14.28
N SER A 45 -26.83 -23.58 -14.18
CA SER A 45 -25.90 -24.30 -15.03
C SER A 45 -25.69 -25.74 -14.59
N ARG A 46 -26.33 -26.16 -13.49
CA ARG A 46 -26.20 -27.52 -12.97
C ARG A 46 -24.78 -27.82 -12.51
N LEU A 47 -24.08 -26.78 -12.02
CA LEU A 47 -22.68 -26.90 -11.64
C LEU A 47 -22.42 -26.95 -10.14
N ILE A 48 -23.43 -26.76 -9.29
CA ILE A 48 -23.19 -26.73 -7.85
C ILE A 48 -22.51 -28.01 -7.41
N GLY A 49 -21.42 -27.86 -6.66
CA GLY A 49 -20.65 -28.98 -6.17
C GLY A 49 -19.53 -29.42 -7.09
N LYS A 50 -19.53 -28.97 -8.35
CA LYS A 50 -18.54 -29.43 -9.30
C LYS A 50 -17.16 -28.85 -8.96
N PRO A 51 -16.10 -29.58 -9.27
CA PRO A 51 -14.76 -29.03 -9.08
C PRO A 51 -14.45 -27.98 -10.12
N ALA A 52 -13.35 -27.28 -9.92
CA ALA A 52 -12.86 -26.37 -10.95
C ALA A 52 -12.54 -27.17 -12.20
N ASP A 53 -12.71 -26.52 -13.34
CA ASP A 53 -12.42 -27.15 -14.63
C ASP A 53 -11.00 -27.70 -14.64
N ALA A 54 -10.84 -28.91 -15.18
CA ALA A 54 -9.54 -29.59 -15.12
C ALA A 54 -8.43 -28.74 -15.74
N MET A 55 -8.74 -28.04 -16.83
CA MET A 55 -7.70 -27.24 -17.47
C MET A 55 -7.39 -25.98 -16.66
N ALA A 56 -8.38 -25.42 -15.97
CA ALA A 56 -8.11 -24.33 -15.04
C ALA A 56 -7.20 -24.78 -13.92
N ILE A 57 -7.45 -25.98 -13.37
CA ILE A 57 -6.58 -26.53 -12.34
C ILE A 57 -5.17 -26.70 -12.86
N GLU A 58 -5.03 -27.25 -14.07
CA GLU A 58 -3.71 -27.55 -14.62
C GLU A 58 -2.91 -26.26 -14.84
N VAL A 59 -3.53 -25.26 -15.48
CA VAL A 59 -2.82 -24.01 -15.74
C VAL A 59 -2.39 -23.36 -14.44
N ALA A 60 -3.27 -23.35 -13.44
CA ALA A 60 -2.89 -22.77 -12.15
C ALA A 60 -1.76 -23.57 -11.51
N LYS A 61 -1.83 -24.90 -11.61
CA LYS A 61 -0.79 -25.74 -11.01
C LYS A 61 0.57 -25.46 -11.62
N GLU A 62 0.61 -25.20 -12.93
CA GLU A 62 1.86 -24.85 -13.58
C GLU A 62 2.43 -23.53 -13.06
N ASN A 63 1.63 -22.74 -12.35
CA ASN A 63 2.09 -21.51 -11.71
C ASN A 63 2.09 -21.63 -10.20
N CYS A 64 2.02 -22.85 -9.67
CA CYS A 64 2.11 -23.09 -8.23
C CYS A 64 0.94 -22.46 -7.47
N VAL A 65 -0.24 -22.50 -8.08
CA VAL A 65 -1.49 -22.09 -7.43
C VAL A 65 -2.41 -23.30 -7.40
N ASP A 66 -2.90 -23.62 -6.21
CA ASP A 66 -3.70 -24.82 -5.97
C ASP A 66 -5.18 -24.48 -6.12
N VAL A 67 -5.81 -25.06 -7.15
CA VAL A 67 -7.25 -24.95 -7.36
C VAL A 67 -7.94 -26.31 -7.20
N GLU A 68 -7.32 -27.22 -6.46
CA GLU A 68 -7.96 -28.48 -6.13
C GLU A 68 -8.96 -28.28 -5.00
N ASN A 69 -9.84 -29.24 -4.84
CA ASN A 69 -10.79 -29.25 -3.73
C ASN A 69 -11.70 -28.03 -3.75
N HIS A 70 -12.03 -27.55 -4.94
CA HIS A 70 -13.01 -26.50 -5.10
C HIS A 70 -14.38 -27.11 -5.35
N GLN A 71 -15.42 -26.44 -4.85
CA GLN A 71 -16.80 -26.81 -5.12
C GLN A 71 -17.55 -25.57 -5.55
N SER A 72 -18.07 -25.60 -6.78
CA SER A 72 -18.85 -24.48 -7.28
C SER A 72 -20.07 -24.22 -6.40
N GLN A 73 -20.33 -22.94 -6.11
CA GLN A 73 -21.49 -22.56 -5.32
C GLN A 73 -22.20 -21.39 -5.97
N GLN A 74 -23.49 -21.27 -5.65
CA GLN A 74 -24.36 -20.24 -6.22
C GLN A 74 -24.26 -18.95 -5.41
N LEU A 75 -24.27 -17.83 -6.13
CA LEU A 75 -24.29 -16.53 -5.48
CA LEU A 75 -24.29 -16.53 -5.48
C LEU A 75 -25.68 -16.25 -4.92
N THR A 76 -25.75 -15.92 -3.64
CA THR A 76 -27.00 -15.58 -2.99
C THR A 76 -26.82 -14.29 -2.20
N SER A 77 -27.94 -13.67 -1.84
CA SER A 77 -27.88 -12.49 -0.99
CA SER A 77 -27.87 -12.48 -1.00
C SER A 77 -27.25 -12.81 0.36
N ALA A 78 -27.63 -13.93 0.96
CA ALA A 78 -27.05 -14.32 2.23
C ALA A 78 -25.53 -14.49 2.12
N LEU A 79 -25.06 -15.10 1.03
CA LEU A 79 -23.62 -15.26 0.85
C LEU A 79 -22.93 -13.91 0.78
N CYS A 80 -23.50 -12.96 0.02
CA CYS A 80 -22.87 -11.66 -0.12
C CYS A 80 -22.72 -10.95 1.22
N SER A 81 -23.64 -11.19 2.15
CA SER A 81 -23.57 -10.53 3.46
CA SER A 81 -23.57 -10.53 3.46
C SER A 81 -22.38 -11.00 4.27
N GLN A 82 -21.78 -12.13 3.90
CA GLN A 82 -20.64 -12.68 4.64
C GLN A 82 -19.30 -12.12 4.20
N TYR A 83 -19.26 -11.28 3.17
CA TYR A 83 -18.01 -10.81 2.59
C TYR A 83 -17.99 -9.29 2.55
N ASP A 84 -16.78 -8.75 2.73
CA ASP A 84 -16.57 -7.30 2.75
C ASP A 84 -16.37 -6.72 1.36
N LEU A 85 -15.87 -7.53 0.43
CA LEU A 85 -15.53 -7.07 -0.90
C LEU A 85 -15.90 -8.16 -1.89
N ILE A 86 -16.54 -7.76 -2.99
CA ILE A 86 -16.91 -8.68 -4.05
C ILE A 86 -16.24 -8.20 -5.34
N LEU A 87 -15.51 -9.10 -6.00
CA LEU A 87 -14.79 -8.79 -7.23
C LEU A 87 -15.36 -9.65 -8.35
N VAL A 88 -15.99 -9.01 -9.33
CA VAL A 88 -16.61 -9.71 -10.46
C VAL A 88 -15.65 -9.74 -11.63
N MET A 89 -15.79 -10.77 -12.47
CA MET A 89 -14.88 -10.95 -13.60
C MET A 89 -15.25 -10.08 -14.80
N GLU A 90 -16.53 -9.73 -14.94
CA GLU A 90 -16.98 -8.87 -16.03
C GLU A 90 -17.85 -7.75 -15.45
N LYS A 91 -17.75 -6.57 -16.07
CA LYS A 91 -18.55 -5.44 -15.62
C LYS A 91 -20.03 -5.77 -15.63
N GLY A 92 -20.49 -6.49 -16.67
CA GLY A 92 -21.90 -6.86 -16.75
C GLY A 92 -22.37 -7.72 -15.59
N HIS A 93 -21.45 -8.40 -14.90
CA HIS A 93 -21.85 -9.21 -13.76
C HIS A 93 -22.40 -8.38 -12.61
N MET A 94 -22.03 -7.10 -12.52
CA MET A 94 -22.50 -6.29 -11.40
C MET A 94 -24.01 -6.16 -11.39
N GLU A 95 -24.61 -5.89 -12.56
CA GLU A 95 -26.06 -5.75 -12.61
C GLU A 95 -26.76 -7.07 -12.32
N ALA A 96 -26.20 -8.18 -12.82
CA ALA A 96 -26.76 -9.49 -12.50
C ALA A 96 -26.63 -9.77 -11.01
N LEU A 97 -25.52 -9.36 -10.41
CA LEU A 97 -25.33 -9.58 -8.98
C LEU A 97 -26.32 -8.77 -8.16
N THR A 98 -26.51 -7.49 -8.52
CA THR A 98 -27.41 -6.63 -7.76
C THR A 98 -28.86 -7.03 -7.91
N GLN A 99 -29.23 -7.71 -8.99
CA GLN A 99 -30.56 -8.33 -9.06
C GLN A 99 -30.75 -9.32 -7.92
N ILE A 100 -29.69 -10.05 -7.59
CA ILE A 100 -29.77 -11.05 -6.51
C ILE A 100 -29.59 -10.38 -5.15
N ALA A 101 -28.65 -9.44 -5.05
CA ALA A 101 -28.29 -8.82 -3.78
C ALA A 101 -28.11 -7.33 -3.99
N PRO A 102 -29.22 -6.59 -4.10
CA PRO A 102 -29.08 -5.14 -4.33
C PRO A 102 -28.27 -4.42 -3.27
N GLU A 103 -28.32 -4.89 -2.03
CA GLU A 103 -27.56 -4.28 -0.94
C GLU A 103 -26.05 -4.40 -1.12
N ALA A 104 -25.59 -5.24 -2.04
CA ALA A 104 -24.17 -5.48 -2.22
C ALA A 104 -23.52 -4.56 -3.26
N ARG A 105 -24.29 -3.63 -3.84
CA ARG A 105 -23.73 -2.73 -4.85
C ARG A 105 -22.48 -2.04 -4.34
N GLY A 106 -22.54 -1.51 -3.12
CA GLY A 106 -21.47 -0.65 -2.63
C GLY A 106 -20.13 -1.35 -2.49
N LYS A 107 -20.13 -2.67 -2.29
CA LYS A 107 -18.89 -3.41 -2.11
C LYS A 107 -18.51 -4.27 -3.31
N THR A 108 -19.17 -4.09 -4.44
CA THR A 108 -18.89 -4.87 -5.65
C THR A 108 -18.02 -4.06 -6.59
N MET A 109 -16.86 -4.61 -6.93
CA MET A 109 -15.88 -3.96 -7.79
C MET A 109 -15.40 -4.97 -8.83
N LEU A 110 -14.58 -4.49 -9.77
CA LEU A 110 -14.17 -5.30 -10.92
C LEU A 110 -12.83 -5.98 -10.62
N PHE A 111 -12.76 -7.29 -10.87
CA PHE A 111 -11.51 -8.01 -10.65
C PHE A 111 -10.37 -7.37 -11.44
N GLY A 112 -10.63 -7.01 -12.69
CA GLY A 112 -9.60 -6.41 -13.52
C GLY A 112 -9.57 -4.89 -13.46
N GLN A 113 -9.96 -4.29 -12.34
CA GLN A 113 -9.99 -2.84 -12.25
C GLN A 113 -8.64 -2.22 -12.59
N TRP A 114 -7.54 -2.83 -12.13
CA TRP A 114 -6.23 -2.21 -12.18
C TRP A 114 -5.45 -2.53 -13.44
N ILE A 115 -6.05 -3.28 -14.37
CA ILE A 115 -5.43 -3.55 -15.66
C ILE A 115 -6.27 -2.90 -16.75
N GLY A 116 -6.67 -1.65 -16.54
CA GLY A 116 -7.48 -0.94 -17.51
C GLY A 116 -8.97 -1.17 -17.38
N GLN A 117 -9.43 -1.61 -16.22
CA GLN A 117 -10.85 -1.93 -16.00
C GLN A 117 -11.36 -2.86 -17.09
N LYS A 118 -10.61 -3.94 -17.28
CA LYS A 118 -10.86 -4.90 -18.36
C LYS A 118 -11.65 -6.09 -17.85
N ASP A 119 -12.61 -6.54 -18.67
CA ASP A 119 -13.27 -7.82 -18.40
C ASP A 119 -12.31 -8.97 -18.66
N ILE A 120 -12.54 -10.07 -17.94
CA ILE A 120 -11.76 -11.29 -18.13
C ILE A 120 -12.69 -12.34 -18.73
N PRO A 121 -12.49 -12.76 -19.97
CA PRO A 121 -13.48 -13.63 -20.63
C PRO A 121 -13.44 -15.07 -20.15
N ASP A 122 -14.59 -15.72 -20.25
CA ASP A 122 -14.76 -17.09 -19.78
C ASP A 122 -14.05 -18.05 -20.72
N PRO A 123 -13.11 -18.87 -20.24
CA PRO A 123 -12.44 -19.84 -21.12
C PRO A 123 -13.15 -21.18 -21.25
N TYR A 124 -14.30 -21.35 -20.61
CA TYR A 124 -14.96 -22.65 -20.55
C TYR A 124 -15.18 -23.22 -21.94
N ARG A 125 -14.83 -24.50 -22.12
CA ARG A 125 -15.05 -25.24 -23.35
C ARG A 125 -14.17 -24.77 -24.49
N GLN A 126 -13.11 -24.03 -24.20
CA GLN A 126 -12.11 -23.62 -25.17
C GLN A 126 -10.80 -24.35 -24.89
N SER A 127 -9.83 -24.14 -25.76
CA SER A 127 -8.54 -24.81 -25.64
C SER A 127 -7.74 -24.24 -24.48
N LYS A 128 -6.64 -24.93 -24.16
CA LYS A 128 -5.77 -24.49 -23.07
C LYS A 128 -5.31 -23.06 -23.28
N GLU A 129 -5.14 -22.64 -24.55
CA GLU A 129 -4.72 -21.26 -24.82
C GLU A 129 -5.64 -20.26 -24.14
N ALA A 130 -6.95 -20.51 -24.18
CA ALA A 130 -7.90 -19.60 -23.55
C ALA A 130 -7.73 -19.59 -22.03
N PHE A 131 -7.41 -20.75 -21.45
CA PHE A 131 -7.17 -20.81 -20.01
C PHE A 131 -5.87 -20.10 -19.64
N VAL A 132 -4.86 -20.19 -20.49
CA VAL A 132 -3.62 -19.46 -20.25
C VAL A 132 -3.87 -17.96 -20.29
N HIS A 133 -4.67 -17.50 -21.25
CA HIS A 133 -5.00 -16.08 -21.35
C HIS A 133 -5.77 -15.61 -20.12
N ALA A 134 -6.77 -16.40 -19.70
CA ALA A 134 -7.54 -16.04 -18.52
C ALA A 134 -6.64 -15.99 -17.29
N TYR A 135 -5.76 -16.99 -17.12
CA TYR A 135 -4.88 -16.99 -15.97
C TYR A 135 -3.97 -15.77 -15.96
N GLN A 136 -3.44 -15.40 -17.13
CA GLN A 136 -2.57 -14.24 -17.22
C GLN A 136 -3.26 -12.99 -16.73
N LEU A 137 -4.47 -12.73 -17.22
CA LEU A 137 -5.20 -11.55 -16.79
C LEU A 137 -5.54 -11.62 -15.30
N ILE A 138 -5.98 -12.79 -14.83
CA ILE A 138 -6.30 -12.95 -13.42
C ILE A 138 -5.06 -12.68 -12.56
N ASP A 139 -3.91 -13.22 -12.98
CA ASP A 139 -2.67 -13.03 -12.24
C ASP A 139 -2.29 -11.56 -12.16
N GLU A 140 -2.24 -10.88 -13.31
CA GLU A 140 -1.91 -9.46 -13.33
C GLU A 140 -2.89 -8.66 -12.48
N ALA A 141 -4.19 -8.95 -12.63
CA ALA A 141 -5.21 -8.21 -11.90
C ALA A 141 -5.11 -8.45 -10.39
N ALA A 142 -4.85 -9.70 -9.99
CA ALA A 142 -4.77 -10.04 -8.58
C ALA A 142 -3.55 -9.42 -7.92
N GLN A 143 -2.41 -9.41 -8.62
CA GLN A 143 -1.21 -8.77 -8.08
C GLN A 143 -1.50 -7.33 -7.71
N ALA A 144 -2.25 -6.62 -8.55
CA ALA A 144 -2.54 -5.22 -8.28
C ALA A 144 -3.47 -5.07 -7.09
N TRP A 145 -4.51 -5.91 -7.01
CA TRP A 145 -5.40 -5.86 -5.86
C TRP A 145 -4.67 -6.15 -4.56
N ALA A 146 -3.72 -7.09 -4.59
CA ALA A 146 -3.04 -7.50 -3.37
C ALA A 146 -2.28 -6.35 -2.73
N LYS A 147 -1.82 -5.38 -3.52
CA LYS A 147 -1.09 -4.24 -2.97
C LYS A 147 -2.02 -3.20 -2.34
N LYS A 148 -3.34 -3.32 -2.50
CA LYS A 148 -4.27 -2.29 -2.07
CA LYS A 148 -4.27 -2.29 -2.07
C LYS A 148 -5.24 -2.75 -1.00
N LEU A 149 -5.21 -4.03 -0.62
CA LEU A 149 -6.15 -4.55 0.36
C LEU A 149 -5.44 -4.94 1.65
N GLY B 4 12.08 7.09 -5.67
CA GLY B 4 11.33 5.80 -5.50
C GLY B 4 12.26 4.60 -5.47
N PHE B 5 11.82 3.50 -4.85
CA PHE B 5 12.65 2.30 -4.78
C PHE B 5 12.27 1.45 -5.98
N ASN B 6 12.96 1.69 -7.09
CA ASN B 6 12.69 1.01 -8.34
C ASN B 6 13.70 -0.08 -8.66
N LYS B 7 14.96 0.10 -8.26
CA LYS B 7 16.01 -0.89 -8.43
C LYS B 7 16.42 -1.39 -7.06
N ILE B 8 16.35 -2.71 -6.85
CA ILE B 8 16.54 -3.32 -5.54
C ILE B 8 17.68 -4.32 -5.63
N LEU B 9 18.60 -4.25 -4.68
CA LEU B 9 19.74 -5.15 -4.59
C LEU B 9 19.60 -5.98 -3.32
N VAL B 10 19.48 -7.30 -3.49
CA VAL B 10 19.41 -8.23 -2.36
C VAL B 10 20.82 -8.68 -2.03
N VAL B 11 21.21 -8.55 -0.76
CA VAL B 11 22.60 -8.72 -0.36
C VAL B 11 22.71 -9.75 0.75
N ALA B 12 23.69 -10.64 0.62
CA ALA B 12 24.12 -11.48 1.71
C ALA B 12 25.64 -11.63 1.63
N VAL B 13 26.17 -12.85 1.78
CA VAL B 13 27.61 -13.06 1.93
C VAL B 13 28.23 -13.69 0.68
N GLY B 14 27.75 -14.88 0.31
CA GLY B 14 28.35 -15.61 -0.80
C GLY B 14 27.67 -15.35 -2.14
N ASN B 15 26.43 -14.88 -2.11
CA ASN B 15 25.62 -14.68 -3.31
C ASN B 15 25.43 -15.98 -4.08
N ILE B 16 25.26 -17.08 -3.35
CA ILE B 16 24.95 -18.37 -3.96
C ILE B 16 23.71 -19.04 -3.37
N CYS B 17 23.24 -18.65 -2.19
CA CYS B 17 22.08 -19.31 -1.57
C CYS B 17 20.93 -18.32 -1.34
N ARG B 18 20.99 -17.55 -0.26
CA ARG B 18 19.86 -16.71 0.12
C ARG B 18 19.66 -15.56 -0.85
N SER B 19 20.74 -14.85 -1.19
CA SER B 19 20.55 -13.61 -1.95
C SER B 19 20.11 -13.87 -3.38
N PRO B 20 20.61 -14.88 -4.09
CA PRO B 20 19.99 -15.18 -5.40
C PRO B 20 18.55 -15.64 -5.28
N THR B 21 18.22 -16.42 -4.24
CA THR B 21 16.84 -16.83 -4.04
C THR B 21 15.96 -15.61 -3.79
N GLY B 22 16.38 -14.72 -2.88
CA GLY B 22 15.61 -13.52 -2.61
C GLY B 22 15.46 -12.64 -3.84
N GLU B 23 16.53 -12.52 -4.64
CA GLU B 23 16.46 -11.77 -5.89
C GLU B 23 15.32 -12.29 -6.76
N ARG B 24 15.29 -13.60 -7.00
CA ARG B 24 14.36 -14.16 -7.97
C ARG B 24 12.94 -14.22 -7.41
N VAL B 25 12.79 -14.52 -6.11
CA VAL B 25 11.46 -14.48 -5.49
C VAL B 25 10.90 -13.06 -5.57
N LEU B 26 11.69 -12.07 -5.13
CA LEU B 26 11.21 -10.70 -5.13
C LEU B 26 10.94 -10.22 -6.55
N GLN B 27 11.80 -10.58 -7.50
CA GLN B 27 11.57 -10.17 -8.88
C GLN B 27 10.26 -10.72 -9.43
N LYS B 28 9.92 -11.96 -9.08
CA LYS B 28 8.67 -12.53 -9.54
C LYS B 28 7.47 -11.83 -8.92
N LEU B 29 7.58 -11.45 -7.63
CA LEU B 29 6.48 -10.78 -6.96
C LEU B 29 6.38 -9.31 -7.30
N LEU B 30 7.46 -8.70 -7.78
CA LEU B 30 7.51 -7.27 -8.10
C LEU B 30 8.02 -7.11 -9.53
N PRO B 31 7.20 -7.48 -10.52
CA PRO B 31 7.63 -7.31 -11.92
C PRO B 31 7.82 -5.86 -12.34
N ASN B 32 7.32 -4.89 -11.57
CA ASN B 32 7.53 -3.49 -11.89
C ASN B 32 8.80 -2.93 -11.26
N LYS B 33 9.66 -3.80 -10.73
CA LYS B 33 10.95 -3.40 -10.17
C LYS B 33 12.05 -4.18 -10.88
N THR B 34 13.27 -3.69 -10.74
CA THR B 34 14.46 -4.36 -11.23
C THR B 34 15.23 -4.86 -10.02
N VAL B 35 15.41 -6.17 -9.92
CA VAL B 35 16.01 -6.79 -8.74
C VAL B 35 17.27 -7.54 -9.16
N ALA B 36 18.35 -7.32 -8.41
CA ALA B 36 19.61 -8.05 -8.56
C ALA B 36 20.08 -8.47 -7.17
N SER B 37 21.26 -9.09 -7.11
CA SER B 37 21.81 -9.49 -5.82
C SER B 37 23.33 -9.49 -5.87
N ALA B 38 23.93 -9.48 -4.68
CA ALA B 38 25.38 -9.47 -4.56
C ALA B 38 25.78 -10.00 -3.19
N GLY B 39 27.05 -10.36 -3.07
CA GLY B 39 27.58 -10.93 -1.83
C GLY B 39 28.71 -10.09 -1.26
N ILE B 40 28.66 -9.86 0.05
CA ILE B 40 29.68 -9.08 0.73
C ILE B 40 31.05 -9.74 0.65
N ALA B 41 31.09 -11.07 0.56
CA ALA B 41 32.35 -11.81 0.56
C ALA B 41 32.46 -12.76 -0.63
N ALA B 42 31.77 -12.44 -1.72
CA ALA B 42 31.82 -13.33 -2.89
C ALA B 42 33.24 -13.44 -3.44
N GLU B 43 33.95 -12.32 -3.50
CA GLU B 43 35.30 -12.33 -4.06
C GLU B 43 36.25 -13.13 -3.16
N LYS B 44 36.27 -12.81 -1.87
CA LYS B 44 37.16 -13.50 -0.94
C LYS B 44 36.83 -14.97 -0.82
N SER B 45 35.58 -15.35 -1.07
CA SER B 45 35.16 -16.74 -1.02
C SER B 45 35.42 -17.49 -2.32
N ARG B 46 35.98 -16.82 -3.33
CA ARG B 46 36.30 -17.44 -4.61
C ARG B 46 35.04 -17.90 -5.34
N LEU B 47 33.93 -17.19 -5.13
CA LEU B 47 32.63 -17.57 -5.67
C LEU B 47 32.19 -16.76 -6.89
N ILE B 48 32.91 -15.70 -7.27
CA ILE B 48 32.43 -14.88 -8.38
C ILE B 48 32.23 -15.74 -9.62
N GLY B 49 31.04 -15.61 -10.23
CA GLY B 49 30.68 -16.39 -11.39
C GLY B 49 29.96 -17.68 -11.09
N LYS B 50 29.97 -18.15 -9.85
CA LYS B 50 29.38 -19.43 -9.54
C LYS B 50 27.85 -19.34 -9.62
N PRO B 51 27.19 -20.44 -10.01
CA PRO B 51 25.73 -20.46 -10.02
C PRO B 51 25.18 -20.53 -8.60
N ALA B 52 23.88 -20.33 -8.50
CA ALA B 52 23.22 -20.58 -7.23
C ALA B 52 23.37 -22.04 -6.85
N ASP B 53 23.42 -22.29 -5.54
CA ASP B 53 23.55 -23.64 -5.03
C ASP B 53 22.45 -24.52 -5.60
N ALA B 54 22.82 -25.74 -5.99
CA ALA B 54 21.87 -26.63 -6.67
C ALA B 54 20.62 -26.87 -5.83
N MET B 55 20.78 -26.97 -4.51
CA MET B 55 19.62 -27.22 -3.67
C MET B 55 18.75 -25.98 -3.56
N ALA B 56 19.36 -24.78 -3.57
CA ALA B 56 18.59 -23.56 -3.63
C ALA B 56 17.78 -23.48 -4.91
N ILE B 57 18.38 -23.87 -6.04
CA ILE B 57 17.67 -23.87 -7.32
C ILE B 57 16.48 -24.83 -7.26
N GLU B 58 16.70 -26.04 -6.72
CA GLU B 58 15.64 -27.03 -6.69
C GLU B 58 14.47 -26.59 -5.81
N VAL B 59 14.77 -26.11 -4.60
CA VAL B 59 13.70 -25.69 -3.70
C VAL B 59 12.89 -24.56 -4.33
N ALA B 60 13.57 -23.60 -4.96
CA ALA B 60 12.86 -22.52 -5.63
C ALA B 60 12.04 -23.05 -6.80
N LYS B 61 12.60 -23.99 -7.56
CA LYS B 61 11.89 -24.54 -8.70
C LYS B 61 10.59 -25.22 -8.27
N GLU B 62 10.62 -25.89 -7.12
CA GLU B 62 9.40 -26.51 -6.59
C GLU B 62 8.35 -25.48 -6.23
N ASN B 63 8.73 -24.21 -6.14
CA ASN B 63 7.80 -23.11 -5.87
C ASN B 63 7.63 -22.20 -7.08
N CYS B 64 8.01 -22.67 -8.26
CA CYS B 64 7.81 -21.94 -9.52
C CYS B 64 8.64 -20.65 -9.56
N VAL B 65 9.82 -20.67 -8.95
CA VAL B 65 10.75 -19.54 -9.02
C VAL B 65 12.04 -20.04 -9.66
N ASP B 66 12.48 -19.32 -10.69
CA ASP B 66 13.64 -19.72 -11.49
C ASP B 66 14.89 -19.04 -10.93
N VAL B 67 15.81 -19.84 -10.41
CA VAL B 67 17.10 -19.37 -9.94
C VAL B 67 18.24 -19.94 -10.78
N GLU B 68 17.94 -20.35 -12.01
CA GLU B 68 18.97 -20.77 -12.93
C GLU B 68 19.65 -19.55 -13.57
N ASN B 69 20.83 -19.79 -14.13
CA ASN B 69 21.58 -18.77 -14.84
C ASN B 69 21.94 -17.59 -13.93
N HIS B 70 22.15 -17.88 -12.65
CA HIS B 70 22.67 -16.88 -11.72
C HIS B 70 24.19 -16.94 -11.72
N GLN B 71 24.81 -15.78 -11.51
CA GLN B 71 26.26 -15.68 -11.34
C GLN B 71 26.54 -14.84 -10.11
N SER B 72 27.19 -15.43 -9.12
CA SER B 72 27.56 -14.70 -7.92
C SER B 72 28.44 -13.51 -8.28
N GLN B 73 28.16 -12.37 -7.65
CA GLN B 73 28.97 -11.17 -7.84
C GLN B 73 29.26 -10.52 -6.49
N GLN B 74 30.35 -9.75 -6.47
CA GLN B 74 30.81 -9.09 -5.25
C GLN B 74 30.14 -7.75 -5.07
N LEU B 75 29.79 -7.43 -3.82
CA LEU B 75 29.25 -6.13 -3.49
C LEU B 75 30.36 -5.09 -3.54
N THR B 76 30.14 -4.02 -4.30
CA THR B 76 31.08 -2.92 -4.39
C THR B 76 30.33 -1.60 -4.18
N SER B 77 31.10 -0.56 -3.86
CA SER B 77 30.52 0.78 -3.74
C SER B 77 29.86 1.21 -5.05
N ALA B 78 30.53 0.97 -6.17
CA ALA B 78 29.96 1.34 -7.47
C ALA B 78 28.65 0.60 -7.71
N LEU B 79 28.60 -0.68 -7.36
CA LEU B 79 27.36 -1.44 -7.55
C LEU B 79 26.24 -0.85 -6.71
N CYS B 80 26.52 -0.52 -5.44
CA CYS B 80 25.48 0.03 -4.58
C CYS B 80 24.90 1.32 -5.15
N SER B 81 25.74 2.13 -5.80
CA SER B 81 25.26 3.40 -6.34
C SER B 81 24.24 3.21 -7.46
N GLN B 82 24.11 2.00 -8.00
CA GLN B 82 23.19 1.73 -9.10
C GLN B 82 21.81 1.29 -8.63
N TYR B 83 21.60 1.14 -7.32
CA TYR B 83 20.35 0.63 -6.78
C TYR B 83 19.76 1.60 -5.77
N ASP B 84 18.44 1.65 -5.74
CA ASP B 84 17.70 2.55 -4.86
C ASP B 84 17.49 1.97 -3.47
N LEU B 85 17.43 0.64 -3.36
CA LEU B 85 17.13 -0.04 -2.12
C LEU B 85 18.00 -1.27 -2.04
N ILE B 86 18.58 -1.50 -0.86
CA ILE B 86 19.41 -2.66 -0.59
C ILE B 86 18.78 -3.42 0.57
N LEU B 87 18.53 -4.71 0.37
CA LEU B 87 17.91 -5.56 1.40
C LEU B 87 18.90 -6.64 1.78
N VAL B 88 19.37 -6.60 3.03
CA VAL B 88 20.35 -7.57 3.52
C VAL B 88 19.62 -8.71 4.23
N MET B 89 20.24 -9.88 4.23
CA MET B 89 19.62 -11.06 4.82
C MET B 89 19.78 -11.12 6.34
N GLU B 90 20.84 -10.50 6.88
CA GLU B 90 21.06 -10.45 8.31
C GLU B 90 21.37 -9.02 8.72
N LYS B 91 20.89 -8.63 9.91
CA LYS B 91 21.16 -7.28 10.39
C LYS B 91 22.65 -7.01 10.46
N GLY B 92 23.44 -8.00 10.87
CA GLY B 92 24.88 -7.84 10.95
C GLY B 92 25.55 -7.51 9.62
N HIS B 93 24.89 -7.83 8.51
CA HIS B 93 25.45 -7.51 7.20
C HIS B 93 25.56 -6.01 6.97
N MET B 94 24.76 -5.21 7.67
CA MET B 94 24.80 -3.77 7.46
C MET B 94 26.18 -3.21 7.80
N GLU B 95 26.80 -3.73 8.86
CA GLU B 95 28.13 -3.27 9.24
C GLU B 95 29.13 -3.54 8.12
N ALA B 96 29.22 -4.80 7.67
CA ALA B 96 30.16 -5.14 6.60
C ALA B 96 29.84 -4.37 5.33
N LEU B 97 28.55 -4.14 5.05
CA LEU B 97 28.18 -3.40 3.85
C LEU B 97 28.68 -1.96 3.92
N THR B 98 28.51 -1.31 5.08
CA THR B 98 28.93 0.09 5.20
C THR B 98 30.45 0.23 5.18
N GLN B 99 31.19 -0.82 5.50
CA GLN B 99 32.64 -0.77 5.32
C GLN B 99 33.00 -0.65 3.84
N ILE B 100 32.23 -1.32 2.98
CA ILE B 100 32.49 -1.25 1.54
C ILE B 100 31.89 0.01 0.95
N ALA B 101 30.67 0.36 1.36
CA ALA B 101 29.93 1.47 0.77
C ALA B 101 29.24 2.25 1.89
N PRO B 102 30.00 3.06 2.63
CA PRO B 102 29.37 3.83 3.72
C PRO B 102 28.23 4.72 3.26
N GLU B 103 28.30 5.24 2.03
CA GLU B 103 27.25 6.10 1.50
C GLU B 103 25.93 5.37 1.30
N ALA B 104 25.92 4.03 1.33
CA ALA B 104 24.72 3.25 1.07
C ALA B 104 23.94 2.92 2.35
N ARG B 105 24.41 3.39 3.50
CA ARG B 105 23.73 3.07 4.76
C ARG B 105 22.27 3.48 4.73
N GLY B 106 21.98 4.67 4.18
CA GLY B 106 20.63 5.21 4.24
C GLY B 106 19.60 4.40 3.48
N LYS B 107 20.02 3.65 2.46
CA LYS B 107 19.09 2.87 1.65
C LYS B 107 19.16 1.38 1.93
N THR B 108 19.84 0.97 3.00
CA THR B 108 19.99 -0.43 3.34
C THR B 108 19.01 -0.80 4.43
N MET B 109 18.18 -1.81 4.16
CA MET B 109 17.15 -2.28 5.06
C MET B 109 17.22 -3.80 5.13
N LEU B 110 16.40 -4.40 5.98
CA LEU B 110 16.46 -5.82 6.25
C LEU B 110 15.46 -6.58 5.39
N PHE B 111 15.92 -7.63 4.72
CA PHE B 111 15.01 -8.43 3.90
C PHE B 111 13.82 -8.91 4.71
N GLY B 112 14.07 -9.40 5.92
CA GLY B 112 12.99 -9.89 6.78
C GLY B 112 12.41 -8.83 7.72
N GLN B 113 12.43 -7.56 7.31
CA GLN B 113 11.92 -6.51 8.20
C GLN B 113 10.49 -6.78 8.65
N TRP B 114 9.65 -7.27 7.75
CA TRP B 114 8.22 -7.34 8.00
C TRP B 114 7.76 -8.66 8.61
N ILE B 115 8.69 -9.56 8.91
CA ILE B 115 8.35 -10.80 9.60
C ILE B 115 9.03 -10.81 10.96
N GLY B 116 8.92 -9.69 11.67
CA GLY B 116 9.54 -9.56 12.97
C GLY B 116 10.97 -9.11 12.95
N GLN B 117 11.41 -8.48 11.86
CA GLN B 117 12.79 -8.05 11.70
C GLN B 117 13.75 -9.20 12.00
N LYS B 118 13.48 -10.33 11.35
CA LYS B 118 14.22 -11.56 11.58
C LYS B 118 15.35 -11.72 10.59
N ASP B 119 16.50 -12.18 11.07
CA ASP B 119 17.56 -12.61 10.19
C ASP B 119 17.15 -13.91 9.50
N ILE B 120 17.69 -14.11 8.30
CA ILE B 120 17.47 -15.34 7.54
C ILE B 120 18.80 -16.08 7.48
N PRO B 121 18.94 -17.23 8.14
CA PRO B 121 20.24 -17.88 8.23
C PRO B 121 20.66 -18.56 6.95
N ASP B 122 21.98 -18.65 6.76
CA ASP B 122 22.55 -19.23 5.55
C ASP B 122 22.37 -20.74 5.57
N PRO B 123 21.72 -21.33 4.56
CA PRO B 123 21.57 -22.79 4.52
C PRO B 123 22.73 -23.54 3.89
N TYR B 124 23.77 -22.83 3.46
CA TYR B 124 24.85 -23.44 2.70
C TYR B 124 25.45 -24.62 3.45
N ARG B 125 25.72 -25.71 2.72
CA ARG B 125 26.30 -26.94 3.25
C ARG B 125 25.38 -27.68 4.20
N GLN B 126 24.12 -27.29 4.31
CA GLN B 126 23.15 -27.98 5.16
C GLN B 126 22.17 -28.77 4.28
N SER B 127 21.28 -29.49 4.93
CA SER B 127 20.35 -30.36 4.24
C SER B 127 19.29 -29.55 3.51
N LYS B 128 18.54 -30.24 2.65
CA LYS B 128 17.44 -29.59 1.92
C LYS B 128 16.45 -28.97 2.89
N GLU B 129 16.23 -29.60 4.04
CA GLU B 129 15.31 -29.04 5.03
C GLU B 129 15.72 -27.62 5.41
N ALA B 130 17.03 -27.35 5.50
CA ALA B 130 17.49 -26.00 5.80
C ALA B 130 17.21 -25.05 4.66
N PHE B 131 17.33 -25.53 3.42
CA PHE B 131 17.00 -24.68 2.27
C PHE B 131 15.50 -24.42 2.19
N VAL B 132 14.68 -25.41 2.56
CA VAL B 132 13.24 -25.20 2.61
C VAL B 132 12.89 -24.17 3.67
N HIS B 133 13.56 -24.23 4.82
CA HIS B 133 13.31 -23.26 5.88
C HIS B 133 13.69 -21.85 5.41
N ALA B 134 14.86 -21.72 4.79
CA ALA B 134 15.29 -20.42 4.29
C ALA B 134 14.32 -19.90 3.23
N TYR B 135 13.89 -20.77 2.31
CA TYR B 135 12.95 -20.34 1.28
C TYR B 135 11.65 -19.85 1.90
N GLN B 136 11.16 -20.54 2.93
CA GLN B 136 9.92 -20.12 3.59
C GLN B 136 10.04 -18.71 4.13
N LEU B 137 11.13 -18.41 4.85
CA LEU B 137 11.33 -17.07 5.37
C LEU B 137 11.47 -16.06 4.24
N ILE B 138 12.25 -16.39 3.22
CA ILE B 138 12.43 -15.47 2.09
C ILE B 138 11.10 -15.19 1.41
N ASP B 139 10.29 -16.23 1.22
CA ASP B 139 8.99 -16.04 0.57
C ASP B 139 8.09 -15.14 1.40
N GLU B 140 7.96 -15.45 2.70
CA GLU B 140 7.13 -14.62 3.57
C GLU B 140 7.63 -13.17 3.57
N ALA B 141 8.95 -12.99 3.68
CA ALA B 141 9.50 -11.64 3.73
C ALA B 141 9.30 -10.91 2.41
N ALA B 142 9.47 -11.61 1.28
CA ALA B 142 9.32 -10.98 -0.02
C ALA B 142 7.86 -10.61 -0.29
N GLN B 143 6.93 -11.48 0.09
CA GLN B 143 5.51 -11.15 -0.03
C GLN B 143 5.20 -9.84 0.68
N ALA B 144 5.75 -9.66 1.88
CA ALA B 144 5.48 -8.46 2.65
C ALA B 144 6.09 -7.23 1.98
N TRP B 145 7.32 -7.34 1.51
CA TRP B 145 7.93 -6.21 0.80
C TRP B 145 7.15 -5.87 -0.46
N ALA B 146 6.65 -6.88 -1.16
CA ALA B 146 5.94 -6.64 -2.42
C ALA B 146 4.72 -5.78 -2.21
N LYS B 147 4.08 -5.88 -1.04
CA LYS B 147 2.92 -5.05 -0.73
C LYS B 147 3.29 -3.65 -0.27
N LYS B 148 4.56 -3.42 0.07
CA LYS B 148 5.01 -2.13 0.58
C LYS B 148 5.73 -1.30 -0.48
N LEU B 149 6.19 -1.91 -1.57
CA LEU B 149 6.97 -1.20 -2.58
C LEU B 149 6.17 -0.99 -3.86
N GLY C 1 0.75 -6.18 -17.11
CA GLY C 1 0.90 -5.58 -15.74
C GLY C 1 -0.09 -4.46 -15.51
N ALA C 2 -0.09 -3.93 -14.29
CA ALA C 2 -1.06 -2.91 -13.90
C ALA C 2 -0.72 -1.56 -14.51
N MET C 3 -1.76 -0.77 -14.77
CA MET C 3 -1.58 0.58 -15.25
C MET C 3 -0.87 1.42 -14.19
N GLY C 4 0.09 2.24 -14.62
CA GLY C 4 0.75 3.16 -13.71
C GLY C 4 0.07 4.51 -13.70
N PHE C 5 0.02 5.13 -12.53
CA PHE C 5 -0.66 6.41 -12.34
C PHE C 5 0.33 7.47 -11.87
N ASN C 6 0.54 8.48 -12.70
CA ASN C 6 1.42 9.60 -12.35
C ASN C 6 0.72 10.94 -12.45
N LYS C 7 -0.16 11.12 -13.43
CA LYS C 7 -0.95 12.32 -13.59
C LYS C 7 -2.42 11.97 -13.38
N ILE C 8 -3.06 12.67 -12.45
CA ILE C 8 -4.43 12.36 -12.00
C ILE C 8 -5.28 13.59 -12.22
N LEU C 9 -6.45 13.40 -12.83
CA LEU C 9 -7.40 14.48 -13.11
C LEU C 9 -8.67 14.24 -12.31
N VAL C 10 -9.00 15.19 -11.43
CA VAL C 10 -10.22 15.14 -10.64
C VAL C 10 -11.31 15.90 -11.39
N VAL C 11 -12.45 15.26 -11.62
CA VAL C 11 -13.47 15.79 -12.53
C VAL C 11 -14.81 15.89 -11.82
N ALA C 12 -15.47 17.02 -12.01
CA ALA C 12 -16.89 17.16 -11.68
C ALA C 12 -17.55 18.01 -12.75
N VAL C 13 -18.39 18.97 -12.38
CA VAL C 13 -19.24 19.69 -13.32
C VAL C 13 -18.75 21.13 -13.54
N GLY C 14 -18.69 21.93 -12.47
CA GLY C 14 -18.34 23.33 -12.61
C GLY C 14 -16.88 23.63 -12.40
N ASN C 15 -16.16 22.71 -11.77
CA ASN C 15 -14.75 22.90 -11.43
C ASN C 15 -14.54 24.13 -10.55
N ILE C 16 -15.48 24.36 -9.62
CA ILE C 16 -15.33 25.42 -8.63
C ILE C 16 -15.49 24.94 -7.20
N CYS C 17 -16.10 23.79 -6.93
CA CYS C 17 -16.32 23.35 -5.56
C CYS C 17 -15.61 22.03 -5.27
N ARG C 18 -16.20 20.91 -5.67
CA ARG C 18 -15.66 19.60 -5.28
C ARG C 18 -14.35 19.30 -5.98
N SER C 19 -14.29 19.52 -7.30
CA SER C 19 -13.13 19.03 -8.04
C SER C 19 -11.86 19.82 -7.71
N PRO C 20 -11.90 21.15 -7.55
CA PRO C 20 -10.69 21.82 -7.06
C PRO C 20 -10.30 21.40 -5.66
N THR C 21 -11.27 21.18 -4.78
CA THR C 21 -10.97 20.71 -3.43
C THR C 21 -10.30 19.34 -3.49
N GLY C 22 -10.89 18.40 -4.23
CA GLY C 22 -10.30 17.07 -4.35
C GLY C 22 -8.91 17.11 -4.95
N GLU C 23 -8.70 17.96 -5.97
CA GLU C 23 -7.38 18.13 -6.54
C GLU C 23 -6.36 18.47 -5.47
N ARG C 24 -6.65 19.48 -4.66
CA ARG C 24 -5.65 20.02 -3.74
C ARG C 24 -5.48 19.12 -2.52
N VAL C 25 -6.55 18.48 -2.04
CA VAL C 25 -6.41 17.51 -0.96
C VAL C 25 -5.53 16.36 -1.41
N LEU C 26 -5.79 15.82 -2.60
CA LEU C 26 -5.02 14.68 -3.09
C LEU C 26 -3.59 15.10 -3.41
N GLN C 27 -3.40 16.29 -3.99
CA GLN C 27 -2.05 16.74 -4.32
C GLN C 27 -1.19 16.84 -3.07
N LYS C 28 -1.77 17.29 -1.96
CA LYS C 28 -1.03 17.42 -0.71
C LYS C 28 -0.55 16.06 -0.22
N LEU C 29 -1.36 15.02 -0.43
CA LEU C 29 -1.03 13.67 0.00
C LEU C 29 -0.08 12.96 -0.96
N LEU C 30 0.04 13.44 -2.20
CA LEU C 30 0.83 12.77 -3.24
C LEU C 30 1.81 13.76 -3.86
N PRO C 31 2.84 14.17 -3.12
CA PRO C 31 3.82 15.10 -3.69
C PRO C 31 4.62 14.53 -4.85
N ASN C 32 4.65 13.20 -5.02
CA ASN C 32 5.33 12.57 -6.15
C ASN C 32 4.41 12.33 -7.34
N LYS C 33 3.20 12.88 -7.32
CA LYS C 33 2.25 12.79 -8.41
C LYS C 33 1.83 14.20 -8.83
N THR C 34 1.23 14.31 -10.01
CA THR C 34 0.67 15.56 -10.49
C THR C 34 -0.85 15.43 -10.54
N VAL C 35 -1.55 16.32 -9.84
CA VAL C 35 -3.00 16.29 -9.74
C VAL C 35 -3.55 17.60 -10.29
N ALA C 36 -4.55 17.50 -11.16
CA ALA C 36 -5.27 18.64 -11.72
C ALA C 36 -6.77 18.37 -11.63
N SER C 37 -7.58 19.29 -12.14
CA SER C 37 -9.02 19.10 -12.13
C SER C 37 -9.66 19.82 -13.31
N ALA C 38 -10.89 19.42 -13.62
CA ALA C 38 -11.65 20.01 -14.71
C ALA C 38 -13.13 19.75 -14.48
N GLY C 39 -13.96 20.50 -15.21
CA GLY C 39 -15.40 20.42 -15.09
C GLY C 39 -16.06 20.07 -16.41
N ILE C 40 -17.02 19.15 -16.35
CA ILE C 40 -17.71 18.71 -17.55
C ILE C 40 -18.48 19.85 -18.21
N ALA C 41 -18.93 20.83 -17.42
CA ALA C 41 -19.77 21.91 -17.94
C ALA C 41 -19.21 23.28 -17.58
N ALA C 42 -17.90 23.38 -17.36
CA ALA C 42 -17.31 24.65 -16.98
C ALA C 42 -17.51 25.70 -18.07
N GLU C 43 -17.45 25.28 -19.33
CA GLU C 43 -17.56 26.22 -20.45
C GLU C 43 -18.99 26.71 -20.60
N LYS C 44 -19.95 25.78 -20.77
CA LYS C 44 -21.32 26.21 -21.01
C LYS C 44 -21.93 26.92 -19.81
N SER C 45 -21.44 26.63 -18.60
CA SER C 45 -21.88 27.35 -17.41
CA SER C 45 -21.88 27.35 -17.41
C SER C 45 -21.17 28.69 -17.24
N ARG C 46 -20.27 29.04 -18.15
CA ARG C 46 -19.54 30.32 -18.09
C ARG C 46 -18.70 30.45 -16.83
N LEU C 47 -18.16 29.33 -16.34
CA LEU C 47 -17.35 29.34 -15.12
C LEU C 47 -15.86 29.27 -15.42
N ILE C 48 -15.47 29.05 -16.68
CA ILE C 48 -14.06 28.92 -17.02
C ILE C 48 -13.32 30.17 -16.57
N GLY C 49 -12.19 29.98 -15.89
CA GLY C 49 -11.39 31.06 -15.37
C GLY C 49 -11.75 31.47 -13.97
N LYS C 50 -12.89 31.04 -13.45
CA LYS C 50 -13.31 31.43 -12.12
C LYS C 50 -12.43 30.77 -11.06
N PRO C 51 -12.24 31.42 -9.92
CA PRO C 51 -11.55 30.77 -8.80
C PRO C 51 -12.44 29.72 -8.17
N ALA C 52 -11.87 28.94 -7.26
CA ALA C 52 -12.68 28.05 -6.45
C ALA C 52 -13.67 28.88 -5.63
N ASP C 53 -14.83 28.26 -5.37
CA ASP C 53 -15.87 28.89 -4.56
C ASP C 53 -15.30 29.38 -3.24
N ALA C 54 -15.71 30.58 -2.83
CA ALA C 54 -15.14 31.20 -1.64
C ALA C 54 -15.32 30.33 -0.40
N MET C 55 -16.47 29.65 -0.27
CA MET C 55 -16.67 28.78 0.88
C MET C 55 -15.87 27.48 0.76
N ALA C 56 -15.68 26.97 -0.46
CA ALA C 56 -14.78 25.83 -0.62
C ALA C 56 -13.38 26.20 -0.16
N ILE C 57 -12.92 27.40 -0.51
CA ILE C 57 -11.61 27.85 -0.05
C ILE C 57 -11.60 27.96 1.48
N GLU C 58 -12.66 28.52 2.06
CA GLU C 58 -12.70 28.72 3.51
C GLU C 58 -12.61 27.40 4.25
N VAL C 59 -13.45 26.44 3.86
CA VAL C 59 -13.47 25.14 4.54
C VAL C 59 -12.14 24.43 4.38
N ALA C 60 -11.57 24.46 3.17
CA ALA C 60 -10.28 23.80 2.97
C ALA C 60 -9.19 24.46 3.80
N LYS C 61 -9.20 25.80 3.87
CA LYS C 61 -8.18 26.50 4.66
C LYS C 61 -8.25 26.12 6.13
N GLU C 62 -9.48 25.96 6.65
CA GLU C 62 -9.64 25.51 8.03
C GLU C 62 -9.08 24.11 8.26
N ASN C 63 -8.81 23.36 7.19
CA ASN C 63 -8.18 22.05 7.26
C ASN C 63 -6.77 22.05 6.68
N CYS C 64 -6.18 23.24 6.52
CA CYS C 64 -4.79 23.39 6.07
C CYS C 64 -4.57 22.86 4.66
N VAL C 65 -5.57 23.04 3.79
CA VAL C 65 -5.46 22.74 2.38
C VAL C 65 -5.73 24.02 1.60
N ASP C 66 -4.80 24.38 0.72
CA ASP C 66 -4.86 25.65 -0.01
C ASP C 66 -5.57 25.42 -1.34
N VAL C 67 -6.73 26.04 -1.51
CA VAL C 67 -7.45 26.01 -2.78
C VAL C 67 -7.48 27.40 -3.44
N GLU C 68 -6.53 28.25 -3.08
CA GLU C 68 -6.34 29.50 -3.79
C GLU C 68 -5.64 29.23 -5.12
N ASN C 69 -5.60 30.24 -5.98
CA ASN C 69 -4.91 30.12 -7.25
C ASN C 69 -5.45 28.96 -8.08
N HIS C 70 -6.77 28.81 -8.08
CA HIS C 70 -7.44 27.84 -8.94
C HIS C 70 -8.14 28.58 -10.08
N GLN C 71 -8.13 27.95 -11.26
CA GLN C 71 -8.83 28.50 -12.43
C GLN C 71 -9.66 27.37 -13.03
N SER C 72 -10.98 27.55 -13.02
CA SER C 72 -11.87 26.53 -13.56
C SER C 72 -11.56 26.28 -15.02
N GLN C 73 -11.51 25.01 -15.41
CA GLN C 73 -11.23 24.64 -16.79
C GLN C 73 -12.18 23.54 -17.24
N GLN C 74 -12.38 23.47 -18.55
CA GLN C 74 -13.32 22.56 -19.18
C GLN C 74 -12.68 21.21 -19.48
N LEU C 75 -13.45 20.14 -19.29
CA LEU C 75 -13.01 18.80 -19.64
CA LEU C 75 -13.01 18.80 -19.64
C LEU C 75 -13.08 18.63 -21.15
N THR C 76 -11.96 18.22 -21.75
CA THR C 76 -11.91 17.97 -23.19
C THR C 76 -11.19 16.66 -23.45
N SER C 77 -11.37 16.15 -24.67
CA SER C 77 -10.63 14.97 -25.09
C SER C 77 -9.13 15.21 -25.04
N ALA C 78 -8.68 16.37 -25.50
CA ALA C 78 -7.25 16.68 -25.45
C ALA C 78 -6.73 16.65 -24.02
N LEU C 79 -7.49 17.22 -23.09
CA LEU C 79 -7.07 17.22 -21.69
C LEU C 79 -6.93 15.80 -21.16
N CYS C 80 -7.92 14.94 -21.44
CA CYS C 80 -7.90 13.57 -20.94
C CYS C 80 -6.69 12.80 -21.44
N SER C 81 -6.20 13.12 -22.64
CA SER C 81 -5.07 12.39 -23.22
C SER C 81 -3.79 12.57 -22.42
N GLN C 82 -3.72 13.54 -21.52
CA GLN C 82 -2.51 13.83 -20.77
CA GLN C 82 -2.52 13.84 -20.76
C GLN C 82 -2.51 13.23 -19.37
N TYR C 83 -3.56 12.51 -18.98
CA TYR C 83 -3.67 11.98 -17.63
C TYR C 83 -3.82 10.46 -17.63
N ASP C 84 -3.25 9.84 -16.60
CA ASP C 84 -3.30 8.39 -16.45
C ASP C 84 -4.57 7.93 -15.75
N LEU C 85 -5.15 8.78 -14.89
CA LEU C 85 -6.27 8.42 -14.07
C LEU C 85 -7.20 9.61 -13.97
N ILE C 86 -8.50 9.36 -14.10
CA ILE C 86 -9.53 10.38 -13.95
C ILE C 86 -10.47 9.93 -12.84
N LEU C 87 -10.68 10.80 -11.85
CA LEU C 87 -11.52 10.50 -10.69
C LEU C 87 -12.70 11.46 -10.70
N VAL C 88 -13.91 10.93 -10.91
CA VAL C 88 -15.11 11.74 -10.97
C VAL C 88 -15.80 11.77 -9.61
N MET C 89 -16.54 12.85 -9.36
CA MET C 89 -17.19 13.03 -8.07
C MET C 89 -18.52 12.27 -7.98
N GLU C 90 -19.17 12.03 -9.12
CA GLU C 90 -20.43 11.27 -9.15
C GLU C 90 -20.33 10.20 -10.22
N LYS C 91 -20.94 9.05 -9.95
CA LYS C 91 -20.93 7.96 -10.92
C LYS C 91 -21.46 8.42 -12.28
N GLY C 92 -22.53 9.22 -12.28
CA GLY C 92 -23.10 9.69 -13.53
C GLY C 92 -22.15 10.53 -14.36
N HIS C 93 -21.12 11.11 -13.74
CA HIS C 93 -20.15 11.90 -14.48
C HIS C 93 -19.35 11.06 -15.45
N MET C 94 -19.22 9.76 -15.21
CA MET C 94 -18.40 8.93 -16.10
C MET C 94 -18.94 8.94 -17.51
N GLU C 95 -20.27 8.83 -17.66
CA GLU C 95 -20.83 8.76 -19.00
C GLU C 95 -20.90 10.14 -19.66
N ALA C 96 -21.08 11.21 -18.88
CA ALA C 96 -20.91 12.54 -19.43
C ALA C 96 -19.49 12.73 -19.95
N LEU C 97 -18.51 12.18 -19.22
CA LEU C 97 -17.12 12.28 -19.65
C LEU C 97 -16.89 11.50 -20.94
N THR C 98 -17.39 10.27 -21.02
CA THR C 98 -17.14 9.44 -22.20
C THR C 98 -17.88 9.95 -23.43
N GLN C 99 -18.95 10.74 -23.26
CA GLN C 99 -19.51 11.43 -24.40
C GLN C 99 -18.52 12.42 -24.99
N ILE C 100 -17.71 13.05 -24.14
CA ILE C 100 -16.70 14.00 -24.61
C ILE C 100 -15.43 13.26 -25.04
N ALA C 101 -15.01 12.27 -24.25
CA ALA C 101 -13.75 11.56 -24.48
C ALA C 101 -13.98 10.08 -24.28
N PRO C 102 -14.61 9.42 -25.25
CA PRO C 102 -14.88 7.98 -25.09
C PRO C 102 -13.62 7.15 -24.89
N GLU C 103 -12.50 7.58 -25.46
CA GLU C 103 -11.24 6.85 -25.31
C GLU C 103 -10.73 6.84 -23.88
N ALA C 104 -11.26 7.69 -23.00
CA ALA C 104 -10.81 7.77 -21.62
C ALA C 104 -11.64 6.92 -20.65
N ARG C 105 -12.61 6.15 -21.16
CA ARG C 105 -13.48 5.38 -20.27
C ARG C 105 -12.69 4.48 -19.35
N GLY C 106 -11.68 3.78 -19.90
CA GLY C 106 -10.95 2.77 -19.15
C GLY C 106 -10.19 3.32 -17.95
N LYS C 107 -9.84 4.60 -17.96
CA LYS C 107 -9.06 5.19 -16.87
C LYS C 107 -9.90 6.08 -15.98
N THR C 108 -11.23 6.02 -16.09
CA THR C 108 -12.13 6.85 -15.29
C THR C 108 -12.68 6.01 -14.15
N MET C 109 -12.46 6.49 -12.92
CA MET C 109 -12.90 5.81 -11.70
C MET C 109 -13.57 6.83 -10.79
N LEU C 110 -14.11 6.36 -9.68
CA LEU C 110 -14.91 7.20 -8.79
C LEU C 110 -14.05 7.75 -7.66
N PHE C 111 -14.13 9.07 -7.44
CA PHE C 111 -13.36 9.68 -6.35
C PHE C 111 -13.68 9.00 -5.02
N GLY C 112 -14.96 8.75 -4.75
CA GLY C 112 -15.36 8.13 -3.51
C GLY C 112 -15.43 6.60 -3.57
N GLN C 113 -14.61 5.97 -4.42
CA GLN C 113 -14.66 4.51 -4.52
C GLN C 113 -14.45 3.86 -3.16
N TRP C 114 -13.54 4.40 -2.35
CA TRP C 114 -13.09 3.73 -1.14
C TRP C 114 -13.89 4.13 0.09
N ILE C 115 -14.93 4.95 -0.06
CA ILE C 115 -15.83 5.27 1.04
C ILE C 115 -17.22 4.72 0.71
N GLY C 116 -17.26 3.47 0.26
CA GLY C 116 -18.51 2.83 -0.09
C GLY C 116 -18.98 3.10 -1.51
N GLN C 117 -18.08 3.50 -2.40
CA GLN C 117 -18.44 3.85 -3.78
C GLN C 117 -19.60 4.84 -3.81
N LYS C 118 -19.44 5.92 -3.05
CA LYS C 118 -20.49 6.91 -2.85
C LYS C 118 -20.21 8.15 -3.66
N ASP C 119 -21.27 8.73 -4.22
CA ASP C 119 -21.18 10.04 -4.85
C ASP C 119 -20.94 11.11 -3.78
N ILE C 120 -20.28 12.18 -4.18
CA ILE C 120 -20.03 13.33 -3.31
C ILE C 120 -20.87 14.48 -3.83
N PRO C 121 -21.89 14.95 -3.09
CA PRO C 121 -22.81 15.93 -3.65
C PRO C 121 -22.22 17.33 -3.74
N ASP C 122 -22.71 18.07 -4.72
CA ASP C 122 -22.24 19.43 -4.97
C ASP C 122 -22.76 20.37 -3.89
N PRO C 123 -21.90 21.08 -3.16
CA PRO C 123 -22.38 22.01 -2.13
C PRO C 123 -22.71 23.40 -2.65
N TYR C 124 -22.57 23.64 -3.94
CA TYR C 124 -22.70 24.99 -4.50
C TYR C 124 -24.01 25.63 -4.07
N ARG C 125 -23.93 26.89 -3.62
CA ARG C 125 -25.07 27.72 -3.23
C ARG C 125 -25.75 27.26 -1.94
N GLN C 126 -25.16 26.33 -1.20
CA GLN C 126 -25.76 25.82 0.01
C GLN C 126 -25.02 26.38 1.24
N SER C 127 -25.50 26.01 2.42
CA SER C 127 -24.93 26.53 3.65
C SER C 127 -23.54 25.96 3.87
N LYS C 128 -22.82 26.54 4.84
CA LYS C 128 -21.46 26.09 5.12
C LYS C 128 -21.43 24.61 5.48
N GLU C 129 -22.46 24.12 6.17
CA GLU C 129 -22.45 22.71 6.57
C GLU C 129 -22.37 21.79 5.36
N ALA C 130 -22.98 22.17 4.24
CA ALA C 130 -22.88 21.36 3.03
C ALA C 130 -21.44 21.34 2.52
N PHE C 131 -20.73 22.47 2.63
CA PHE C 131 -19.33 22.49 2.23
C PHE C 131 -18.46 21.70 3.19
N VAL C 132 -18.77 21.75 4.48
CA VAL C 132 -18.04 20.95 5.45
C VAL C 132 -18.26 19.46 5.19
N HIS C 133 -19.49 19.07 4.89
CA HIS C 133 -19.79 17.68 4.59
C HIS C 133 -19.05 17.23 3.34
N ALA C 134 -19.08 18.05 2.29
CA ALA C 134 -18.38 17.70 1.05
C ALA C 134 -16.88 17.56 1.32
N TYR C 135 -16.30 18.48 2.08
CA TYR C 135 -14.87 18.38 2.38
C TYR C 135 -14.56 17.10 3.14
N GLN C 136 -15.40 16.75 4.12
CA GLN C 136 -15.14 15.56 4.91
C GLN C 136 -15.13 14.31 4.04
N LEU C 137 -16.11 14.19 3.13
CA LEU C 137 -16.12 13.04 2.23
C LEU C 137 -14.92 13.06 1.30
N ILE C 138 -14.59 14.23 0.74
CA ILE C 138 -13.44 14.33 -0.17
C ILE C 138 -12.15 13.95 0.56
N ASP C 139 -12.00 14.43 1.79
CA ASP C 139 -10.78 14.15 2.55
C ASP C 139 -10.64 12.66 2.82
N GLU C 140 -11.70 12.03 3.34
CA GLU C 140 -11.66 10.60 3.60
C GLU C 140 -11.38 9.83 2.31
N ALA C 141 -12.05 10.20 1.23
CA ALA C 141 -11.87 9.50 -0.04
C ALA C 141 -10.45 9.69 -0.57
N ALA C 142 -9.90 10.90 -0.45
CA ALA C 142 -8.57 11.17 -0.97
C ALA C 142 -7.50 10.43 -0.18
N GLN C 143 -7.64 10.37 1.14
CA GLN C 143 -6.69 9.61 1.95
C GLN C 143 -6.61 8.17 1.48
N ALA C 144 -7.76 7.56 1.18
CA ALA C 144 -7.78 6.17 0.74
C ALA C 144 -7.11 6.02 -0.62
N TRP C 145 -7.38 6.93 -1.55
CA TRP C 145 -6.73 6.88 -2.85
C TRP C 145 -5.21 7.04 -2.72
N ALA C 146 -4.77 7.92 -1.83
CA ALA C 146 -3.34 8.19 -1.70
C ALA C 146 -2.56 6.94 -1.31
N LYS C 147 -3.20 6.03 -0.59
CA LYS C 147 -2.55 4.80 -0.17
C LYS C 147 -2.47 3.75 -1.28
N LYS C 148 -3.07 4.01 -2.44
CA LYS C 148 -3.19 3.00 -3.49
C LYS C 148 -2.57 3.39 -4.81
N LEU C 149 -2.11 4.63 -4.98
CA LEU C 149 -1.61 5.08 -6.26
C LEU C 149 -0.08 5.09 -6.30
N GLY D 1 3.98 -15.61 8.59
CA GLY D 1 3.52 -14.42 7.82
C GLY D 1 4.00 -13.10 8.44
N ALA D 2 3.55 -11.99 7.87
CA ALA D 2 3.98 -10.68 8.32
C ALA D 2 3.28 -10.30 9.61
N MET D 3 3.98 -9.53 10.44
CA MET D 3 3.40 -9.03 11.68
C MET D 3 2.32 -8.01 11.36
N GLY D 4 1.21 -8.09 12.09
CA GLY D 4 0.13 -7.13 11.93
C GLY D 4 0.26 -5.98 12.91
N PHE D 5 -0.03 -4.77 12.42
CA PHE D 5 0.12 -3.54 13.19
C PHE D 5 -1.22 -2.84 13.30
N ASN D 6 -1.69 -2.64 14.53
CA ASN D 6 -2.94 -1.93 14.76
CA ASN D 6 -2.94 -1.92 14.76
C ASN D 6 -2.79 -0.89 15.87
N LYS D 7 -1.91 -1.15 16.83
CA LYS D 7 -1.58 -0.21 17.89
C LYS D 7 -0.13 0.20 17.74
N ILE D 8 0.12 1.50 17.65
CA ILE D 8 1.43 2.05 17.31
C ILE D 8 1.87 2.98 18.43
N LEU D 9 3.11 2.82 18.89
CA LEU D 9 3.68 3.62 19.95
C LEU D 9 4.85 4.43 19.37
N VAL D 10 4.73 5.75 19.41
CA VAL D 10 5.80 6.63 18.97
C VAL D 10 6.66 6.98 20.17
N VAL D 11 7.97 6.75 20.05
CA VAL D 11 8.88 6.81 21.19
C VAL D 11 10.02 7.77 20.91
N ALA D 12 10.33 8.60 21.91
CA ALA D 12 11.57 9.36 21.93
C ALA D 12 12.08 9.39 23.37
N VAL D 13 12.51 10.54 23.87
CA VAL D 13 13.21 10.64 25.15
C VAL D 13 12.34 11.29 26.23
N GLY D 14 11.90 12.53 26.00
CA GLY D 14 11.16 13.27 27.01
C GLY D 14 9.66 13.15 26.90
N ASN D 15 9.18 12.74 25.73
CA ASN D 15 7.74 12.64 25.44
C ASN D 15 7.05 13.99 25.63
N ILE D 16 7.72 15.07 25.23
CA ILE D 16 7.12 16.40 25.22
C ILE D 16 7.23 17.11 23.88
N CYS D 17 8.13 16.72 22.98
CA CYS D 17 8.28 17.43 21.71
C CYS D 17 7.99 16.53 20.52
N ARG D 18 8.95 15.70 20.11
CA ARG D 18 8.81 14.93 18.88
C ARG D 18 7.77 13.82 19.01
N SER D 19 7.83 13.06 20.10
CA SER D 19 6.99 11.87 20.16
C SER D 19 5.51 12.21 20.30
N PRO D 20 5.10 13.23 21.08
CA PRO D 20 3.67 13.61 21.02
C PRO D 20 3.27 14.16 19.66
N THR D 21 4.15 14.92 19.02
CA THR D 21 3.83 15.42 17.68
C THR D 21 3.65 14.26 16.71
N GLY D 22 4.58 13.32 16.70
CA GLY D 22 4.47 12.17 15.81
C GLY D 22 3.22 11.34 16.09
N GLU D 23 2.90 11.17 17.37
CA GLU D 23 1.66 10.46 17.73
C GLU D 23 0.46 11.10 17.06
N ARG D 24 0.31 12.41 17.20
CA ARG D 24 -0.91 13.07 16.74
C ARG D 24 -0.95 13.24 15.23
N VAL D 25 0.20 13.48 14.61
CA VAL D 25 0.26 13.52 13.15
C VAL D 25 -0.16 12.17 12.58
N LEU D 26 0.44 11.10 13.08
CA LEU D 26 0.14 9.76 12.57
C LEU D 26 -1.30 9.36 12.88
N GLN D 27 -1.78 9.69 14.08
CA GLN D 27 -3.15 9.35 14.45
C GLN D 27 -4.15 9.99 13.50
N LYS D 28 -3.90 11.24 13.11
CA LYS D 28 -4.80 11.93 12.19
C LYS D 28 -4.83 11.24 10.83
N LEU D 29 -3.69 10.69 10.40
CA LEU D 29 -3.62 10.00 9.12
C LEU D 29 -4.15 8.58 9.18
N LEU D 30 -4.27 8.00 10.38
CA LEU D 30 -4.71 6.63 10.56
C LEU D 30 -5.82 6.58 11.59
N PRO D 31 -7.01 7.09 11.25
CA PRO D 31 -8.11 7.08 12.22
C PRO D 31 -8.56 5.68 12.63
N ASN D 32 -8.30 4.66 11.80
CA ASN D 32 -8.65 3.29 12.13
C ASN D 32 -7.53 2.56 12.88
N LYS D 33 -6.49 3.27 13.27
CA LYS D 33 -5.44 2.73 14.12
C LYS D 33 -5.46 3.47 15.46
N THR D 34 -4.72 2.93 16.42
CA THR D 34 -4.54 3.56 17.72
C THR D 34 -3.07 3.92 17.87
N VAL D 35 -2.79 5.20 18.11
CA VAL D 35 -1.42 5.70 18.21
C VAL D 35 -1.26 6.37 19.57
N ALA D 36 -0.18 6.02 20.27
CA ALA D 36 0.20 6.64 21.53
C ALA D 36 1.68 7.01 21.46
N SER D 37 2.22 7.52 22.57
CA SER D 37 3.63 7.87 22.61
C SER D 37 4.16 7.74 24.03
N ALA D 38 5.49 7.67 24.13
CA ALA D 38 6.16 7.55 25.42
C ALA D 38 7.61 8.00 25.26
N GLY D 39 8.25 8.25 26.40
CA GLY D 39 9.63 8.70 26.42
C GLY D 39 10.51 7.75 27.22
N ILE D 40 11.69 7.47 26.66
CA ILE D 40 12.62 6.55 27.31
C ILE D 40 13.10 7.10 28.65
N ALA D 41 13.16 8.42 28.80
CA ALA D 41 13.69 9.04 30.00
C ALA D 41 12.71 10.05 30.60
N ALA D 42 11.41 9.86 30.37
CA ALA D 42 10.43 10.81 30.89
C ALA D 42 10.45 10.85 32.42
N GLU D 43 10.62 9.69 33.05
CA GLU D 43 10.67 9.64 34.51
CA GLU D 43 10.67 9.64 34.51
C GLU D 43 11.93 10.30 35.04
N LYS D 44 13.10 9.85 34.57
CA LYS D 44 14.36 10.39 35.06
C LYS D 44 14.54 11.85 34.71
N SER D 45 13.87 12.33 33.66
CA SER D 45 13.91 13.75 33.31
CA SER D 45 13.91 13.75 33.31
C SER D 45 12.88 14.57 34.09
N ARG D 46 12.05 13.92 34.92
CA ARG D 46 11.06 14.61 35.75
C ARG D 46 10.01 15.32 34.90
N LEU D 47 9.65 14.69 33.78
CA LEU D 47 8.68 15.26 32.85
C LEU D 47 7.32 14.55 32.89
N ILE D 48 7.18 13.49 33.70
CA ILE D 48 5.93 12.73 33.72
C ILE D 48 4.76 13.67 34.02
N GLY D 49 3.72 13.58 33.19
CA GLY D 49 2.53 14.38 33.36
C GLY D 49 2.56 15.74 32.69
N LYS D 50 3.71 16.16 32.19
CA LYS D 50 3.81 17.45 31.53
C LYS D 50 3.04 17.44 30.22
N PRO D 51 2.51 18.58 29.80
CA PRO D 51 1.92 18.68 28.45
C PRO D 51 3.00 18.67 27.40
N ALA D 52 2.58 18.60 26.15
CA ALA D 52 3.51 18.81 25.05
C ALA D 52 4.08 20.22 25.13
N ASP D 53 5.32 20.38 24.66
CA ASP D 53 5.97 21.67 24.64
C ASP D 53 5.09 22.69 23.92
N ALA D 54 5.04 23.90 24.47
CA ALA D 54 4.13 24.92 23.95
C ALA D 54 4.41 25.24 22.49
N MET D 55 5.69 25.24 22.09
CA MET D 55 6.00 25.51 20.69
C MET D 55 5.70 24.31 19.80
N ALA D 56 5.84 23.08 20.32
CA ALA D 56 5.40 21.93 19.56
C ALA D 56 3.89 22.02 19.29
N ILE D 57 3.11 22.45 20.28
CA ILE D 57 1.68 22.64 20.08
C ILE D 57 1.43 23.72 19.04
N GLU D 58 2.16 24.83 19.13
CA GLU D 58 1.95 25.94 18.21
C GLU D 58 2.21 25.53 16.77
N VAL D 59 3.37 24.90 16.51
CA VAL D 59 3.71 24.52 15.15
C VAL D 59 2.72 23.50 14.60
N ALA D 60 2.35 22.51 15.42
CA ALA D 60 1.39 21.51 14.97
C ALA D 60 0.04 22.16 14.64
N LYS D 61 -0.41 23.09 15.49
CA LYS D 61 -1.69 23.73 15.24
C LYS D 61 -1.68 24.51 13.93
N GLU D 62 -0.55 25.14 13.61
CA GLU D 62 -0.43 25.83 12.32
C GLU D 62 -0.55 24.86 11.15
N ASN D 63 -0.42 23.56 11.40
CA ASN D 63 -0.60 22.53 10.38
C ASN D 63 -1.84 21.68 10.63
N CYS D 64 -2.77 22.18 11.45
CA CYS D 64 -4.06 21.52 11.69
C CYS D 64 -3.92 20.18 12.39
N VAL D 65 -2.93 20.06 13.27
CA VAL D 65 -2.75 18.88 14.11
C VAL D 65 -2.81 19.33 15.56
N ASP D 66 -3.65 18.68 16.35
CA ASP D 66 -3.90 19.08 17.74
C ASP D 66 -3.01 18.25 18.65
N VAL D 67 -2.09 18.91 19.34
CA VAL D 67 -1.23 18.27 20.33
C VAL D 67 -1.56 18.77 21.74
N GLU D 68 -2.74 19.35 21.92
CA GLU D 68 -3.24 19.61 23.26
C GLU D 68 -3.62 18.30 23.93
N ASN D 69 -3.86 18.38 25.24
CA ASN D 69 -4.31 17.21 26.01
C ASN D 69 -3.33 16.05 25.90
N HIS D 70 -2.04 16.35 25.98
CA HIS D 70 -1.00 15.34 26.04
C HIS D 70 -0.43 15.28 27.44
N GLN D 71 -0.08 14.07 27.88
CA GLN D 71 0.55 13.84 29.18
C GLN D 71 1.77 12.97 28.97
N SER D 72 2.95 13.50 29.27
CA SER D 72 4.18 12.74 29.08
C SER D 72 4.16 11.48 29.95
N GLN D 73 4.56 10.35 29.36
CA GLN D 73 4.60 9.09 30.08
C GLN D 73 5.89 8.35 29.75
N GLN D 74 6.26 7.46 30.67
CA GLN D 74 7.52 6.73 30.59
C GLN D 74 7.36 5.42 29.82
N LEU D 75 8.36 5.10 29.01
CA LEU D 75 8.40 3.82 28.32
C LEU D 75 8.70 2.71 29.32
N THR D 76 7.84 1.70 29.36
CA THR D 76 8.04 0.54 30.22
C THR D 76 7.79 -0.73 29.42
N SER D 77 8.27 -1.85 29.98
CA SER D 77 8.00 -3.15 29.36
C SER D 77 6.50 -3.40 29.27
N ALA D 78 5.75 -3.09 30.33
CA ALA D 78 4.31 -3.29 30.30
C ALA D 78 3.67 -2.48 29.18
N LEU D 79 4.09 -1.23 29.01
CA LEU D 79 3.54 -0.41 27.94
C LEU D 79 3.80 -1.03 26.57
N CYS D 80 5.04 -1.45 26.34
CA CYS D 80 5.39 -2.02 25.03
C CYS D 80 4.58 -3.27 24.72
N SER D 81 4.19 -4.03 25.75
CA SER D 81 3.41 -5.25 25.51
C SER D 81 2.05 -4.96 24.88
N GLN D 82 1.59 -3.71 24.95
CA GLN D 82 0.27 -3.33 24.45
C GLN D 82 0.26 -2.91 22.99
N TYR D 83 1.42 -2.78 22.36
CA TYR D 83 1.51 -2.18 21.03
C TYR D 83 2.16 -3.15 20.04
N ASP D 84 1.69 -3.10 18.80
CA ASP D 84 2.22 -3.97 17.74
C ASP D 84 3.46 -3.39 17.11
N LEU D 85 3.59 -2.07 17.08
CA LEU D 85 4.67 -1.39 16.38
C LEU D 85 5.14 -0.23 17.23
N ILE D 86 6.46 -0.08 17.32
CA ILE D 86 7.09 1.03 18.02
C ILE D 86 7.94 1.79 17.01
N LEU D 87 7.73 3.10 16.92
CA LEU D 87 8.47 3.95 16.00
C LEU D 87 9.27 4.97 16.81
N VAL D 88 10.59 4.87 16.74
CA VAL D 88 11.49 5.72 17.51
C VAL D 88 11.96 6.88 16.63
N MET D 89 12.29 8.00 17.30
CA MET D 89 12.67 9.20 16.56
C MET D 89 14.14 9.19 16.13
N GLU D 90 15.00 8.48 16.85
CA GLU D 90 16.41 8.36 16.50
C GLU D 90 16.80 6.89 16.51
N LYS D 91 17.69 6.52 15.59
CA LYS D 91 18.13 5.12 15.49
C LYS D 91 18.69 4.62 16.82
N GLY D 92 19.44 5.48 17.52
CA GLY D 92 20.00 5.10 18.80
C GLY D 92 18.97 4.77 19.86
N HIS D 93 17.74 5.24 19.69
CA HIS D 93 16.69 4.97 20.67
C HIS D 93 16.31 3.49 20.71
N MET D 94 16.51 2.75 19.62
CA MET D 94 16.09 1.36 19.58
C MET D 94 16.75 0.55 20.69
N GLU D 95 18.07 0.64 20.79
CA GLU D 95 18.78 -0.13 21.81
C GLU D 95 18.52 0.41 23.21
N ALA D 96 18.47 1.73 23.36
CA ALA D 96 18.12 2.31 24.64
C ALA D 96 16.76 1.79 25.11
N LEU D 97 15.83 1.61 24.17
CA LEU D 97 14.53 1.06 24.50
C LEU D 97 14.64 -0.37 25.00
N THR D 98 15.50 -1.17 24.36
CA THR D 98 15.63 -2.58 24.73
C THR D 98 16.27 -2.77 26.10
N GLN D 99 16.94 -1.74 26.64
CA GLN D 99 17.39 -1.80 28.03
C GLN D 99 16.20 -1.96 28.96
N ILE D 100 15.08 -1.31 28.64
CA ILE D 100 13.87 -1.37 29.46
C ILE D 100 13.00 -2.54 29.04
N ALA D 101 12.84 -2.74 27.73
CA ALA D 101 11.93 -3.75 27.18
C ALA D 101 12.66 -4.53 26.10
N PRO D 102 13.57 -5.43 26.49
CA PRO D 102 14.31 -6.20 25.48
C PRO D 102 13.42 -7.00 24.56
N GLU D 103 12.27 -7.46 25.05
CA GLU D 103 11.35 -8.25 24.24
C GLU D 103 10.73 -7.46 23.09
N ALA D 104 10.85 -6.13 23.10
CA ALA D 104 10.23 -5.30 22.07
C ALA D 104 11.16 -4.99 20.91
N ARG D 105 12.36 -5.57 20.88
CA ARG D 105 13.31 -5.28 19.81
CA ARG D 105 13.31 -5.28 19.81
C ARG D 105 12.68 -5.53 18.44
N GLY D 106 12.00 -6.67 18.29
CA GLY D 106 11.51 -7.07 16.98
C GLY D 106 10.51 -6.11 16.37
N LYS D 107 9.75 -5.38 17.19
CA LYS D 107 8.72 -4.49 16.69
C LYS D 107 9.12 -3.03 16.72
N THR D 108 10.38 -2.72 16.96
CA THR D 108 10.86 -1.34 17.03
C THR D 108 11.50 -0.97 15.69
N MET D 109 10.94 0.07 15.06
CA MET D 109 11.42 0.58 13.78
C MET D 109 11.59 2.09 13.90
N LEU D 110 12.09 2.72 12.84
CA LEU D 110 12.45 4.12 12.85
C LEU D 110 11.31 4.97 12.29
N PHE D 111 10.94 6.03 13.03
CA PHE D 111 9.89 6.92 12.54
C PHE D 111 10.23 7.45 11.16
N GLY D 112 11.48 7.86 10.95
CA GLY D 112 11.90 8.41 9.68
C GLY D 112 12.47 7.38 8.71
N GLN D 113 12.01 6.13 8.81
CA GLN D 113 12.55 5.10 7.92
C GLN D 113 12.39 5.48 6.46
N TRP D 114 11.24 6.05 6.09
CA TRP D 114 10.90 6.26 4.69
C TRP D 114 11.31 7.63 4.16
N ILE D 115 12.04 8.41 4.95
CA ILE D 115 12.60 9.67 4.45
C ILE D 115 14.11 9.57 4.50
N GLY D 116 14.65 8.43 4.08
CA GLY D 116 16.08 8.21 4.08
C GLY D 116 16.65 7.62 5.34
N GLN D 117 15.82 7.00 6.18
CA GLN D 117 16.25 6.43 7.45
C GLN D 117 17.01 7.47 8.28
N LYS D 118 16.41 8.64 8.40
CA LYS D 118 17.04 9.79 9.06
C LYS D 118 16.49 9.95 10.47
N ASP D 119 17.38 10.30 11.39
CA ASP D 119 16.97 10.69 12.72
C ASP D 119 16.25 12.04 12.66
N ILE D 120 15.33 12.25 13.59
CA ILE D 120 14.62 13.52 13.72
C ILE D 120 15.12 14.18 15.00
N PRO D 121 15.80 15.33 14.91
CA PRO D 121 16.44 15.90 16.11
C PRO D 121 15.45 16.57 17.04
N ASP D 122 15.78 16.54 18.32
CA ASP D 122 14.93 17.13 19.36
C ASP D 122 14.99 18.65 19.28
N PRO D 123 13.87 19.35 19.10
CA PRO D 123 13.90 20.81 19.06
C PRO D 123 13.81 21.49 20.41
N TYR D 124 13.77 20.73 21.51
CA TYR D 124 13.53 21.29 22.83
C TYR D 124 14.48 22.43 23.13
N ARG D 125 13.93 23.53 23.66
CA ARG D 125 14.67 24.70 24.09
C ARG D 125 15.38 25.43 22.95
N GLN D 126 14.94 25.24 21.71
CA GLN D 126 15.54 25.88 20.55
C GLN D 126 14.54 26.83 19.90
N SER D 127 15.00 27.51 18.85
CA SER D 127 14.17 28.49 18.16
C SER D 127 12.98 27.82 17.51
N LYS D 128 11.99 28.63 17.11
CA LYS D 128 10.83 28.09 16.41
C LYS D 128 11.25 27.38 15.13
N GLU D 129 12.30 27.86 14.47
CA GLU D 129 12.81 27.20 13.27
C GLU D 129 13.09 25.72 13.52
N ALA D 130 13.65 25.40 14.68
CA ALA D 130 13.96 24.01 15.00
C ALA D 130 12.69 23.19 15.13
N PHE D 131 11.63 23.77 15.72
CA PHE D 131 10.36 23.06 15.84
C PHE D 131 9.70 22.91 14.48
N VAL D 132 9.80 23.93 13.63
CA VAL D 132 9.24 23.84 12.28
C VAL D 132 9.95 22.74 11.49
N HIS D 133 11.28 22.69 11.59
CA HIS D 133 12.04 21.66 10.91
C HIS D 133 11.65 20.26 11.41
N ALA D 134 11.55 20.10 12.73
CA ALA D 134 11.15 18.82 13.29
C ALA D 134 9.76 18.42 12.80
N TYR D 135 8.81 19.36 12.80
CA TYR D 135 7.48 19.04 12.34
C TYR D 135 7.49 18.61 10.88
N GLN D 136 8.24 19.32 10.04
CA GLN D 136 8.30 18.98 8.62
C GLN D 136 8.79 17.55 8.41
N LEU D 137 9.86 17.17 9.13
CA LEU D 137 10.35 15.81 9.03
C LEU D 137 9.32 14.80 9.54
N ILE D 138 8.70 15.10 10.68
CA ILE D 138 7.71 14.19 11.26
C ILE D 138 6.54 14.02 10.30
N ASP D 139 6.07 15.12 9.70
CA ASP D 139 4.93 15.05 8.80
CA ASP D 139 4.93 15.05 8.80
C ASP D 139 5.25 14.20 7.57
N GLU D 140 6.39 14.47 6.93
CA GLU D 140 6.78 13.69 5.75
C GLU D 140 6.96 12.23 6.12
N ALA D 141 7.59 11.95 7.26
CA ALA D 141 7.81 10.57 7.68
C ALA D 141 6.49 9.87 7.99
N ALA D 142 5.57 10.59 8.64
CA ALA D 142 4.30 9.99 9.03
C ALA D 142 3.43 9.69 7.81
N GLN D 143 3.39 10.62 6.84
CA GLN D 143 2.64 10.37 5.62
C GLN D 143 3.13 9.11 4.93
N ALA D 144 4.45 8.89 4.91
CA ALA D 144 4.98 7.70 4.28
C ALA D 144 4.57 6.44 5.04
N TRP D 145 4.63 6.48 6.37
CA TRP D 145 4.19 5.33 7.15
C TRP D 145 2.71 5.06 6.94
N ALA D 146 1.90 6.11 6.86
CA ALA D 146 0.46 5.93 6.70
C ALA D 146 0.13 5.18 5.42
N LYS D 147 0.92 5.40 4.35
CA LYS D 147 0.67 4.70 3.10
C LYS D 147 1.03 3.22 3.18
N LYS D 148 1.86 2.82 4.14
CA LYS D 148 2.34 1.45 4.23
C LYS D 148 1.66 0.65 5.33
N LEU D 149 1.01 1.31 6.29
CA LEU D 149 0.30 0.61 7.35
C LEU D 149 -1.17 0.48 6.99
P PO4 E . -16.54 -18.89 -14.19
O1 PO4 E . -16.79 -20.37 -14.34
O2 PO4 E . -15.39 -18.51 -15.09
O3 PO4 E . -16.18 -18.63 -12.75
O4 PO4 E . -17.80 -18.14 -14.59
C1 GOL F . -20.12 -21.33 -16.93
O1 GOL F . -19.67 -20.89 -18.19
C2 GOL F . -21.54 -21.90 -17.04
O2 GOL F . -22.47 -20.85 -16.92
C3 GOL F . -21.74 -22.61 -18.37
O3 GOL F . -22.44 -23.81 -18.16
P PO4 G . 24.26 -16.19 0.49
O1 PO4 G . 25.06 -17.20 -0.31
O2 PO4 G . 23.15 -16.93 1.22
O3 PO4 G . 25.17 -15.50 1.47
O4 PO4 G . 23.65 -15.21 -0.49
P PO4 H . -17.76 21.06 -8.94
O1 PO4 H . -16.33 20.71 -9.25
O2 PO4 H . -18.13 20.61 -7.55
O3 PO4 H . -17.88 22.57 -9.00
O4 PO4 H . -18.71 20.46 -9.96
P PO4 I . 10.81 14.08 22.78
O1 PO4 I . 12.05 13.30 23.19
O2 PO4 I . 9.63 13.17 22.59
O3 PO4 I . 10.47 15.07 23.86
O4 PO4 I . 11.11 14.84 21.51
#